data_5DNW
#
_entry.id   5DNW
#
_cell.length_a   75.940
_cell.length_b   75.940
_cell.length_c   181.470
_cell.angle_alpha   90.00
_cell.angle_beta   90.00
_cell.angle_gamma   120.00
#
_symmetry.space_group_name_H-M   'P 61 2 2'
#
loop_
_entity.id
_entity.type
_entity.pdbx_description
1 polymer ShKAI2iB
2 non-polymer 'FORMIC ACID'
3 non-polymer 1,2-ETHANEDIOL
4 non-polymer 'SODIUM ION'
5 water water
#
_entity_poly.entity_id   1
_entity_poly.type   'polypeptide(L)'
_entity_poly.pdbx_seq_one_letter_code
;GPLGSMNRVEAARNVHIVGSGDTTVVLGHGFGTDQSVWKHLVPYLVDSYRVLLYDNMGAGSTNPEYFHFERYSTLQGYAH
DLLVILHEFNIRSCIFVGHSLSAMTGAIASIIRPDLFQKIVMLSASPRFLNTADYLGGFEPADVEQLAGAIEANYKSWVS
GFAPMVVGGDMDSVAVQEFSRTLFNMRPDIARSVFRTIFTSDLRDYLGRVTVPCHIIQSSRDMAVPVSVAGYIHNRVGGR
SVVEVMNTEGHLPQLSAPEVAIPVLLRHIKNDIDS
;
_entity_poly.pdbx_strand_id   A
#
loop_
_chem_comp.id
_chem_comp.type
_chem_comp.name
_chem_comp.formula
EDO non-polymer 1,2-ETHANEDIOL 'C2 H6 O2'
FMT non-polymer 'FORMIC ACID' 'C H2 O2'
NA non-polymer 'SODIUM ION' 'Na 1'
#
# COMPACT_ATOMS: atom_id res chain seq x y z
N GLY A 1 5.22 -25.44 20.10
CA GLY A 1 6.66 -25.82 20.16
C GLY A 1 7.32 -25.48 21.49
N PRO A 2 8.59 -25.92 21.68
CA PRO A 2 9.33 -25.72 22.94
C PRO A 2 9.92 -24.30 23.16
N LEU A 3 9.88 -23.43 22.16
CA LEU A 3 10.33 -22.05 22.30
C LEU A 3 9.20 -21.09 22.71
N GLY A 4 7.94 -21.54 22.55
CA GLY A 4 6.78 -20.82 23.07
C GLY A 4 5.51 -21.06 22.28
N SER A 5 4.59 -20.11 22.37
CA SER A 5 3.35 -20.12 21.60
C SER A 5 3.62 -19.86 20.12
N MET A 6 3.11 -20.72 19.24
CA MET A 6 3.17 -20.49 17.78
C MET A 6 2.30 -19.28 17.42
N ASN A 7 2.96 -18.14 17.16
CA ASN A 7 2.29 -16.87 16.87
C ASN A 7 2.24 -16.64 15.37
N ARG A 8 1.31 -17.30 14.69
CA ARG A 8 1.25 -17.26 13.24
C ARG A 8 0.80 -15.88 12.70
N VAL A 9 -0.09 -15.18 13.40
CA VAL A 9 -0.54 -13.83 12.96
C VAL A 9 0.67 -12.88 12.97
N GLU A 10 1.37 -12.85 14.10
CA GLU A 10 2.62 -12.10 14.23
C GLU A 10 3.57 -12.39 13.06
N ALA A 11 3.70 -13.67 12.69
CA ALA A 11 4.57 -14.03 11.57
C ALA A 11 4.10 -13.47 10.21
N ALA A 12 2.79 -13.46 9.98
CA ALA A 12 2.24 -12.95 8.69
C ALA A 12 2.51 -11.45 8.49
N ARG A 13 2.44 -10.69 9.57
CA ARG A 13 2.60 -9.23 9.54
C ARG A 13 4.09 -8.83 9.50
N ASN A 14 4.92 -9.57 10.24
CA ASN A 14 6.37 -9.36 10.20
C ASN A 14 6.69 -7.90 10.51
N VAL A 15 6.20 -7.44 11.65
CA VAL A 15 6.34 -6.06 12.06
C VAL A 15 7.82 -5.81 12.43
N HIS A 16 8.43 -4.80 11.80
CA HIS A 16 9.81 -4.42 12.07
C HIS A 16 9.88 -2.95 12.41
N ILE A 17 10.68 -2.62 13.43
CA ILE A 17 10.85 -1.27 13.89
C ILE A 17 12.34 -0.87 13.75
N VAL A 18 12.54 0.36 13.29
CA VAL A 18 13.87 0.94 13.12
C VAL A 18 13.74 2.44 13.44
N GLY A 19 14.85 3.06 13.82
CA GLY A 19 14.88 4.48 14.13
C GLY A 19 14.36 4.84 15.50
N SER A 20 14.20 6.13 15.74
CA SER A 20 13.68 6.64 16.99
C SER A 20 13.19 8.08 16.88
N GLY A 21 12.33 8.48 17.81
CA GLY A 21 11.79 9.84 17.83
C GLY A 21 10.47 9.89 18.56
N ASP A 22 9.93 11.10 18.74
N ASP A 22 9.93 11.10 18.74
CA ASP A 22 8.63 11.29 19.40
CA ASP A 22 8.63 11.29 19.41
C ASP A 22 7.44 10.85 18.54
C ASP A 22 7.43 10.91 18.54
N THR A 23 7.63 10.81 17.22
CA THR A 23 6.57 10.39 16.30
C THR A 23 6.95 9.10 15.58
N THR A 24 5.97 8.22 15.44
CA THR A 24 6.13 7.00 14.69
C THR A 24 5.57 7.15 13.27
N VAL A 25 6.35 6.77 12.27
CA VAL A 25 5.92 6.68 10.90
C VAL A 25 5.62 5.21 10.64
N VAL A 26 4.40 4.92 10.22
CA VAL A 26 3.98 3.54 9.90
C VAL A 26 3.92 3.44 8.39
N LEU A 27 4.57 2.43 7.82
CA LEU A 27 4.70 2.29 6.36
C LEU A 27 4.00 1.03 5.90
N GLY A 28 2.98 1.20 5.04
CA GLY A 28 2.19 0.10 4.51
C GLY A 28 2.46 -0.03 3.03
N HIS A 29 2.50 -1.26 2.51
CA HIS A 29 2.85 -1.48 1.09
C HIS A 29 1.65 -2.02 0.32
N GLY A 30 1.81 -2.07 -1.00
CA GLY A 30 0.74 -2.36 -1.94
C GLY A 30 0.85 -3.80 -2.40
N PHE A 31 -0.11 -4.23 -3.21
CA PHE A 31 -0.17 -5.61 -3.68
C PHE A 31 1.10 -6.00 -4.46
N GLY A 32 1.67 -7.15 -4.16
CA GLY A 32 2.78 -7.72 -4.96
C GLY A 32 4.18 -7.48 -4.42
N THR A 33 4.32 -6.46 -3.57
CA THR A 33 5.57 -6.09 -2.94
C THR A 33 5.51 -6.41 -1.45
N ASP A 34 6.46 -5.88 -0.68
CA ASP A 34 6.44 -6.04 0.77
C ASP A 34 7.10 -4.83 1.43
N GLN A 35 7.44 -4.90 2.71
CA GLN A 35 8.06 -3.73 3.38
C GLN A 35 9.37 -3.27 2.76
N SER A 36 10.04 -4.12 1.96
CA SER A 36 11.30 -3.74 1.28
C SER A 36 11.10 -2.70 0.18
N VAL A 37 9.86 -2.47 -0.25
CA VAL A 37 9.55 -1.39 -1.20
C VAL A 37 9.97 0.01 -0.70
N TRP A 38 10.05 0.15 0.62
CA TRP A 38 10.43 1.39 1.30
C TRP A 38 11.94 1.55 1.56
N LYS A 39 12.76 0.68 0.96
CA LYS A 39 14.24 0.67 1.18
C LYS A 39 14.93 2.02 0.95
N HIS A 40 14.46 2.79 -0.02
CA HIS A 40 14.99 4.13 -0.28
C HIS A 40 14.40 5.25 0.57
N LEU A 41 13.30 5.02 1.27
CA LEU A 41 12.70 6.06 2.11
C LEU A 41 13.24 5.93 3.52
N VAL A 42 13.30 4.70 4.03
CA VAL A 42 13.60 4.44 5.46
C VAL A 42 14.90 5.11 5.97
N PRO A 43 16.00 5.07 5.20
CA PRO A 43 17.28 5.68 5.67
C PRO A 43 17.17 7.17 5.98
N TYR A 44 16.23 7.86 5.31
CA TYR A 44 16.01 9.29 5.54
C TYR A 44 14.97 9.64 6.61
N LEU A 45 14.37 8.62 7.25
CA LEU A 45 13.41 8.82 8.35
C LEU A 45 13.98 8.52 9.71
N VAL A 46 14.86 7.52 9.80
CA VAL A 46 15.32 6.98 11.08
C VAL A 46 15.96 7.99 12.03
N ASP A 47 16.58 9.06 11.52
CA ASP A 47 17.14 10.11 12.41
C ASP A 47 16.10 10.80 13.29
N SER A 48 14.91 10.99 12.74
CA SER A 48 13.87 11.81 13.37
C SER A 48 12.65 11.04 13.84
N TYR A 49 12.37 9.90 13.25
CA TYR A 49 11.18 9.13 13.55
C TYR A 49 11.49 7.70 13.85
N ARG A 50 10.71 7.13 14.76
CA ARG A 50 10.53 5.70 14.83
C ARG A 50 9.72 5.30 13.61
N VAL A 51 10.13 4.21 12.97
CA VAL A 51 9.52 3.71 11.75
C VAL A 51 9.04 2.31 12.01
N LEU A 52 7.75 2.07 11.81
CA LEU A 52 7.17 0.75 11.89
C LEU A 52 6.77 0.29 10.49
N LEU A 53 7.33 -0.86 10.08
CA LEU A 53 7.01 -1.47 8.80
C LEU A 53 6.32 -2.80 9.02
N TYR A 54 5.41 -3.15 8.13
CA TYR A 54 4.72 -4.44 8.21
C TYR A 54 4.36 -4.92 6.82
N ASP A 55 4.12 -6.21 6.70
CA ASP A 55 3.74 -6.84 5.47
C ASP A 55 2.25 -7.20 5.51
N ASN A 56 1.63 -7.28 4.34
CA ASN A 56 0.19 -7.43 4.19
C ASN A 56 -0.13 -7.91 2.78
N MET A 57 -1.43 -8.01 2.47
CA MET A 57 -1.93 -8.52 1.20
C MET A 57 -1.23 -9.79 0.69
N GLY A 58 -1.01 -10.74 1.59
CA GLY A 58 -0.46 -12.05 1.25
C GLY A 58 1.04 -12.10 0.98
N ALA A 59 1.77 -11.08 1.44
CA ALA A 59 3.22 -10.97 1.20
C ALA A 59 3.95 -12.00 2.02
N GLY A 60 4.95 -12.63 1.41
CA GLY A 60 5.74 -13.63 2.10
C GLY A 60 4.95 -14.87 2.46
N SER A 61 3.94 -15.18 1.67
CA SER A 61 3.08 -16.34 1.94
C SER A 61 3.65 -17.69 1.44
N THR A 62 4.80 -17.69 0.76
CA THR A 62 5.53 -18.95 0.49
C THR A 62 6.33 -19.45 1.70
N ASN A 63 6.54 -18.57 2.69
CA ASN A 63 7.16 -18.97 3.95
C ASN A 63 6.22 -19.98 4.63
N PRO A 64 6.61 -21.28 4.73
CA PRO A 64 5.67 -22.35 5.15
C PRO A 64 4.90 -22.12 6.47
N GLU A 65 5.48 -21.34 7.38
CA GLU A 65 4.83 -20.89 8.64
C GLU A 65 3.83 -19.71 8.51
N TYR A 66 3.63 -19.22 7.28
CA TYR A 66 2.58 -18.24 6.99
C TYR A 66 1.24 -18.97 6.90
N PHE A 67 0.24 -18.45 7.62
CA PHE A 67 -1.17 -18.88 7.45
C PHE A 67 -2.03 -17.68 7.00
N HIS A 68 -2.84 -17.89 5.97
CA HIS A 68 -3.72 -16.85 5.43
C HIS A 68 -5.02 -16.76 6.25
N PHE A 69 -4.96 -16.01 7.34
CA PHE A 69 -6.08 -15.90 8.26
C PHE A 69 -7.33 -15.30 7.62
N GLU A 70 -8.47 -15.67 8.18
CA GLU A 70 -9.76 -15.33 7.61
C GLU A 70 -9.97 -13.81 7.55
N ARG A 71 -9.41 -13.07 8.52
CA ARG A 71 -9.48 -11.59 8.49
C ARG A 71 -8.99 -11.00 7.18
N TYR A 72 -8.00 -11.65 6.56
CA TYR A 72 -7.41 -11.16 5.32
C TYR A 72 -8.25 -11.37 4.04
N SER A 73 -9.47 -11.90 4.17
N SER A 73 -9.47 -11.90 4.16
CA SER A 73 -10.38 -12.03 3.04
CA SER A 73 -10.36 -12.03 3.01
C SER A 73 -10.91 -10.69 2.49
C SER A 73 -10.91 -10.70 2.48
N THR A 74 -10.82 -9.61 3.25
CA THR A 74 -11.34 -8.28 2.81
C THR A 74 -10.42 -7.16 3.21
N LEU A 75 -10.53 -6.01 2.55
CA LEU A 75 -9.71 -4.85 2.92
C LEU A 75 -10.10 -4.29 4.29
N GLN A 76 -11.38 -4.45 4.65
CA GLN A 76 -11.84 -4.11 5.98
C GLN A 76 -11.11 -4.93 7.05
N GLY A 77 -10.87 -6.22 6.76
CA GLY A 77 -10.10 -7.06 7.67
C GLY A 77 -8.64 -6.64 7.80
N TYR A 78 -8.04 -6.21 6.70
CA TYR A 78 -6.71 -5.58 6.77
C TYR A 78 -6.71 -4.32 7.60
N ALA A 79 -7.75 -3.49 7.45
CA ALA A 79 -7.89 -2.28 8.26
C ALA A 79 -8.00 -2.60 9.75
N HIS A 80 -8.83 -3.59 10.07
CA HIS A 80 -8.95 -4.07 11.46
C HIS A 80 -7.58 -4.50 12.00
N ASP A 81 -6.87 -5.30 11.20
CA ASP A 81 -5.59 -5.84 11.61
C ASP A 81 -4.57 -4.73 11.83
N LEU A 82 -4.58 -3.71 10.97
CA LEU A 82 -3.78 -2.51 11.21
C LEU A 82 -4.04 -1.86 12.57
N LEU A 83 -5.32 -1.71 12.94
CA LEU A 83 -5.66 -1.18 14.26
C LEU A 83 -5.11 -2.05 15.41
N VAL A 84 -5.12 -3.36 15.23
CA VAL A 84 -4.58 -4.28 16.24
C VAL A 84 -3.06 -4.07 16.35
N ILE A 85 -2.38 -3.92 15.20
CA ILE A 85 -0.94 -3.60 15.21
C ILE A 85 -0.67 -2.33 15.98
N LEU A 86 -1.39 -1.26 15.65
CA LEU A 86 -1.24 0.01 16.37
C LEU A 86 -1.43 -0.12 17.87
N HIS A 87 -2.42 -0.91 18.28
CA HIS A 87 -2.64 -1.18 19.70
C HIS A 87 -1.48 -1.97 20.34
N GLU A 88 -1.08 -3.06 19.69
CA GLU A 88 -0.08 -3.97 20.29
C GLU A 88 1.29 -3.31 20.39
N PHE A 89 1.63 -2.46 19.43
CA PHE A 89 2.90 -1.75 19.40
C PHE A 89 2.82 -0.36 20.02
N ASN A 90 1.78 -0.10 20.82
CA ASN A 90 1.69 1.10 21.66
C ASN A 90 1.82 2.42 20.91
N ILE A 91 1.26 2.44 19.70
CA ILE A 91 1.27 3.64 18.88
C ILE A 91 0.10 4.52 19.36
N ARG A 92 0.40 5.65 19.98
CA ARG A 92 -0.63 6.57 20.44
C ARG A 92 -1.00 7.59 19.35
N SER A 93 -0.06 7.89 18.48
CA SER A 93 -0.31 8.69 17.30
C SER A 93 0.74 8.29 16.29
N CYS A 94 0.41 8.39 14.99
CA CYS A 94 1.36 8.05 13.92
C CYS A 94 1.14 8.84 12.65
N ILE A 95 2.19 8.91 11.84
CA ILE A 95 2.09 9.36 10.45
C ILE A 95 2.02 8.11 9.62
N PHE A 96 0.87 7.88 8.98
CA PHE A 96 0.65 6.66 8.24
C PHE A 96 0.95 6.89 6.77
N VAL A 97 1.91 6.15 6.22
CA VAL A 97 2.23 6.26 4.79
C VAL A 97 1.79 4.96 4.14
N GLY A 98 0.81 5.06 3.24
CA GLY A 98 0.18 3.93 2.60
C GLY A 98 0.37 3.95 1.10
N HIS A 99 0.99 2.89 0.59
CA HIS A 99 1.19 2.73 -0.84
C HIS A 99 0.06 1.88 -1.43
N SER A 100 -0.47 2.33 -2.57
CA SER A 100 -1.55 1.68 -3.28
C SER A 100 -2.79 1.45 -2.36
N LEU A 101 -3.35 0.24 -2.29
CA LEU A 101 -4.53 0.01 -1.43
C LEU A 101 -4.25 0.06 0.08
N SER A 102 -3.01 -0.06 0.53
CA SER A 102 -2.71 0.23 1.93
C SER A 102 -3.02 1.69 2.33
N ALA A 103 -3.08 2.61 1.37
CA ALA A 103 -3.57 3.98 1.64
C ALA A 103 -5.04 3.95 2.05
N MET A 104 -5.79 3.03 1.45
CA MET A 104 -7.20 2.90 1.75
C MET A 104 -7.42 2.13 3.03
N THR A 105 -6.61 1.10 3.29
CA THR A 105 -6.71 0.38 4.57
C THR A 105 -6.42 1.35 5.73
N GLY A 106 -5.41 2.20 5.57
CA GLY A 106 -5.13 3.29 6.52
C GLY A 106 -6.31 4.26 6.67
N ALA A 107 -6.89 4.67 5.54
CA ALA A 107 -8.07 5.55 5.56
C ALA A 107 -9.26 4.96 6.34
N ILE A 108 -9.56 3.70 6.09
CA ILE A 108 -10.65 2.95 6.74
C ILE A 108 -10.38 2.85 8.24
N ALA A 109 -9.14 2.50 8.60
CA ALA A 109 -8.74 2.42 9.99
C ALA A 109 -8.87 3.76 10.71
N SER A 110 -8.50 4.83 10.02
CA SER A 110 -8.56 6.20 10.57
C SER A 110 -9.97 6.72 10.86
N ILE A 111 -10.97 6.18 10.16
CA ILE A 111 -12.36 6.51 10.45
C ILE A 111 -12.75 5.95 11.84
N ILE A 112 -12.18 4.80 12.20
CA ILE A 112 -12.46 4.14 13.48
C ILE A 112 -11.63 4.73 14.64
N ARG A 113 -10.35 4.98 14.39
CA ARG A 113 -9.46 5.55 15.42
C ARG A 113 -8.72 6.75 14.85
N PRO A 114 -9.46 7.86 14.59
CA PRO A 114 -8.80 9.07 14.06
C PRO A 114 -7.75 9.64 15.01
N ASP A 115 -7.92 9.43 16.31
CA ASP A 115 -6.94 9.80 17.35
C ASP A 115 -5.55 9.18 17.14
N LEU A 116 -5.48 8.01 16.47
CA LEU A 116 -4.21 7.30 16.24
C LEU A 116 -3.43 7.78 15.00
N PHE A 117 -4.06 8.61 14.17
CA PHE A 117 -3.46 9.07 12.92
C PHE A 117 -3.28 10.58 12.96
N GLN A 118 -2.04 11.04 13.00
CA GLN A 118 -1.74 12.45 12.81
C GLN A 118 -2.10 12.87 11.37
N LYS A 119 -1.76 12.02 10.41
CA LYS A 119 -2.07 12.25 9.01
C LYS A 119 -1.90 10.96 8.28
N ILE A 120 -2.44 10.93 7.07
CA ILE A 120 -2.18 9.88 6.12
C ILE A 120 -1.45 10.49 4.94
N VAL A 121 -0.34 9.85 4.56
CA VAL A 121 0.33 10.13 3.29
C VAL A 121 0.03 8.97 2.37
N MET A 122 -0.71 9.25 1.30
CA MET A 122 -1.12 8.25 0.32
C MET A 122 -0.17 8.30 -0.89
N LEU A 123 0.33 7.13 -1.29
CA LEU A 123 1.20 7.04 -2.47
C LEU A 123 0.61 6.03 -3.46
N SER A 124 0.32 6.51 -4.66
CA SER A 124 -0.29 5.69 -5.71
C SER A 124 -1.66 5.10 -5.29
N ALA A 125 -2.46 5.87 -4.57
CA ALA A 125 -3.71 5.38 -3.99
C ALA A 125 -4.84 5.47 -5.00
N SER A 126 -5.73 4.49 -4.92
CA SER A 126 -7.02 4.50 -5.59
C SER A 126 -8.09 3.95 -4.67
N PRO A 127 -9.28 4.57 -4.67
CA PRO A 127 -10.39 3.98 -3.94
C PRO A 127 -11.12 2.86 -4.74
N ARG A 128 -10.79 2.67 -6.02
CA ARG A 128 -11.48 1.67 -6.88
C ARG A 128 -10.85 1.68 -8.28
N PHE A 129 -10.43 0.52 -8.75
CA PHE A 129 -9.80 0.42 -10.07
C PHE A 129 -10.80 0.35 -11.23
N LEU A 130 -11.92 -0.35 -11.03
CA LEU A 130 -12.87 -0.59 -12.12
C LEU A 130 -13.69 0.67 -12.39
N ASN A 131 -13.86 1.01 -13.66
CA ASN A 131 -14.69 2.15 -14.05
C ASN A 131 -16.17 1.92 -13.74
N THR A 132 -16.93 3.01 -13.63
CA THR A 132 -18.39 2.98 -13.76
C THR A 132 -18.71 3.93 -14.91
N ALA A 133 -19.99 4.14 -15.19
CA ALA A 133 -20.40 5.12 -16.18
C ALA A 133 -19.95 6.53 -15.79
N ASP A 134 -19.82 6.79 -14.49
CA ASP A 134 -19.53 8.11 -13.96
C ASP A 134 -18.19 8.24 -13.22
N TYR A 135 -17.40 7.17 -13.15
CA TYR A 135 -16.16 7.16 -12.39
C TYR A 135 -15.08 6.53 -13.24
N LEU A 136 -13.94 7.22 -13.37
CA LEU A 136 -12.77 6.69 -14.07
C LEU A 136 -11.75 6.15 -13.07
N GLY A 137 -11.74 4.84 -12.87
CA GLY A 137 -10.71 4.18 -12.09
C GLY A 137 -9.49 3.77 -12.90
N GLY A 138 -9.64 3.74 -14.23
CA GLY A 138 -8.55 3.33 -15.15
C GLY A 138 -8.69 1.96 -15.82
N PHE A 139 -9.72 1.19 -15.44
CA PHE A 139 -9.90 -0.18 -15.93
C PHE A 139 -11.33 -0.44 -16.37
N GLU A 140 -11.48 -0.89 -17.62
CA GLU A 140 -12.72 -1.50 -18.09
C GLU A 140 -12.64 -2.98 -17.72
N PRO A 141 -13.79 -3.68 -17.74
CA PRO A 141 -13.77 -5.12 -17.45
C PRO A 141 -12.75 -5.92 -18.26
N ALA A 142 -12.63 -5.60 -19.55
CA ALA A 142 -11.64 -6.25 -20.42
C ALA A 142 -10.20 -6.11 -19.87
N ASP A 143 -9.89 -4.91 -19.39
CA ASP A 143 -8.56 -4.65 -18.77
C ASP A 143 -8.32 -5.48 -17.52
N VAL A 144 -9.34 -5.61 -16.67
CA VAL A 144 -9.18 -6.39 -15.43
C VAL A 144 -8.92 -7.85 -15.77
N GLU A 145 -9.71 -8.38 -16.71
CA GLU A 145 -9.57 -9.78 -17.12
C GLU A 145 -8.26 -10.03 -17.87
N GLN A 146 -7.81 -9.06 -18.66
CA GLN A 146 -6.48 -9.18 -19.30
C GLN A 146 -5.38 -9.19 -18.21
N LEU A 147 -5.42 -8.22 -17.30
CA LEU A 147 -4.40 -8.10 -16.25
C LEU A 147 -4.33 -9.35 -15.36
N ALA A 148 -5.48 -9.98 -15.14
CA ALA A 148 -5.54 -11.21 -14.37
C ALA A 148 -4.81 -12.33 -15.14
N GLY A 149 -5.05 -12.41 -16.45
CA GLY A 149 -4.33 -13.33 -17.36
C GLY A 149 -4.09 -14.72 -16.80
N ALA A 150 -2.83 -15.15 -16.77
CA ALA A 150 -2.47 -16.51 -16.37
C ALA A 150 -2.24 -16.69 -14.86
N ILE A 151 -2.75 -15.78 -14.02
CA ILE A 151 -2.40 -15.76 -12.59
C ILE A 151 -2.57 -17.11 -11.86
N GLU A 152 -3.61 -17.87 -12.23
CA GLU A 152 -3.81 -19.20 -11.65
C GLU A 152 -3.46 -20.35 -12.61
N ALA A 153 -3.44 -20.09 -13.92
CA ALA A 153 -2.99 -21.09 -14.91
C ALA A 153 -1.48 -21.33 -14.81
N ASN A 154 -0.74 -20.24 -14.90
CA ASN A 154 0.72 -20.28 -14.77
C ASN A 154 1.26 -19.02 -14.09
N TYR A 155 1.47 -19.12 -12.79
CA TYR A 155 1.88 -18.00 -11.94
C TYR A 155 3.17 -17.37 -12.43
N LYS A 156 4.15 -18.23 -12.71
CA LYS A 156 5.47 -17.82 -13.20
C LYS A 156 5.35 -17.01 -14.48
N SER A 157 4.48 -17.43 -15.38
CA SER A 157 4.24 -16.69 -16.62
C SER A 157 3.57 -15.35 -16.32
N TRP A 158 2.51 -15.39 -15.50
CA TRP A 158 1.77 -14.16 -15.14
C TRP A 158 2.71 -13.09 -14.57
N VAL A 159 3.60 -13.49 -13.66
CA VAL A 159 4.51 -12.57 -12.98
C VAL A 159 5.43 -11.83 -13.96
N SER A 160 5.98 -12.55 -14.93
CA SER A 160 6.84 -11.95 -15.96
C SER A 160 6.09 -10.93 -16.83
N GLY A 161 4.78 -11.13 -17.01
CA GLY A 161 3.93 -10.15 -17.70
C GLY A 161 3.46 -9.01 -16.78
N PHE A 162 3.11 -9.37 -15.55
CA PHE A 162 2.48 -8.43 -14.60
C PHE A 162 3.47 -7.38 -14.09
N ALA A 163 4.63 -7.87 -13.61
CA ALA A 163 5.62 -7.01 -12.97
C ALA A 163 6.06 -5.79 -13.79
N PRO A 164 6.50 -5.99 -15.06
CA PRO A 164 6.91 -4.83 -15.86
C PRO A 164 5.77 -3.85 -16.19
N MET A 165 4.56 -4.35 -16.31
CA MET A 165 3.40 -3.49 -16.57
C MET A 165 3.05 -2.56 -15.41
N VAL A 166 3.08 -3.09 -14.18
CA VAL A 166 2.73 -2.30 -13.00
C VAL A 166 3.85 -1.29 -12.68
N VAL A 167 5.08 -1.78 -12.66
CA VAL A 167 6.25 -0.96 -12.30
C VAL A 167 6.55 0.12 -13.36
N GLY A 168 6.24 -0.15 -14.63
CA GLY A 168 6.60 0.75 -15.72
C GLY A 168 8.07 0.57 -16.08
N GLY A 169 8.55 1.35 -17.04
CA GLY A 169 9.95 1.33 -17.44
C GLY A 169 10.34 0.05 -18.16
N ASP A 170 11.56 -0.41 -17.93
CA ASP A 170 12.15 -1.55 -18.65
C ASP A 170 12.16 -2.80 -17.77
N MET A 171 12.11 -3.97 -18.40
CA MET A 171 12.00 -5.27 -17.69
C MET A 171 13.19 -5.59 -16.79
N ASP A 172 14.41 -5.30 -17.25
CA ASP A 172 15.62 -5.68 -16.50
C ASP A 172 15.95 -4.78 -15.31
N SER A 173 15.22 -3.68 -15.15
CA SER A 173 15.46 -2.73 -14.06
C SER A 173 15.44 -3.42 -12.70
N VAL A 174 16.21 -2.87 -11.76
CA VAL A 174 16.19 -3.34 -10.38
C VAL A 174 14.76 -3.39 -9.78
N ALA A 175 13.92 -2.42 -10.17
CA ALA A 175 12.56 -2.29 -9.65
C ALA A 175 11.67 -3.44 -10.09
N VAL A 176 11.70 -3.77 -11.38
CA VAL A 176 10.93 -4.91 -11.92
C VAL A 176 11.43 -6.25 -11.36
N GLN A 177 12.74 -6.38 -11.19
CA GLN A 177 13.32 -7.57 -10.55
C GLN A 177 12.91 -7.68 -9.09
N GLU A 178 12.89 -6.54 -8.40
CA GLU A 178 12.45 -6.50 -7.02
C GLU A 178 10.98 -6.87 -6.88
N PHE A 179 10.14 -6.36 -7.78
CA PHE A 179 8.70 -6.62 -7.73
C PHE A 179 8.41 -8.08 -8.07
N SER A 180 9.11 -8.58 -9.09
CA SER A 180 9.08 -10.00 -9.46
C SER A 180 9.51 -10.86 -8.30
N ARG A 181 10.62 -10.48 -7.65
CA ARG A 181 11.07 -11.24 -6.49
C ARG A 181 9.97 -11.32 -5.43
N THR A 182 9.34 -10.20 -5.10
CA THR A 182 8.32 -10.20 -4.02
C THR A 182 7.06 -10.96 -4.42
N LEU A 183 6.67 -10.86 -5.69
CA LEU A 183 5.58 -11.68 -6.23
C LEU A 183 5.82 -13.20 -6.09
N PHE A 184 7.09 -13.62 -6.23
CA PHE A 184 7.43 -15.03 -6.05
C PHE A 184 7.52 -15.46 -4.58
N ASN A 185 7.62 -14.51 -3.65
CA ASN A 185 7.40 -14.82 -2.26
C ASN A 185 5.91 -14.97 -1.85
N MET A 186 4.98 -14.85 -2.80
CA MET A 186 3.54 -15.12 -2.56
C MET A 186 3.10 -16.51 -3.08
N ARG A 187 2.43 -17.28 -2.23
CA ARG A 187 1.72 -18.49 -2.69
C ARG A 187 0.73 -18.13 -3.80
N PRO A 188 0.78 -18.81 -4.97
CA PRO A 188 -0.09 -18.37 -6.09
C PRO A 188 -1.62 -18.35 -5.86
N ASP A 189 -2.13 -19.23 -4.98
CA ASP A 189 -3.56 -19.21 -4.61
C ASP A 189 -3.90 -17.96 -3.78
N ILE A 190 -2.97 -17.54 -2.94
CA ILE A 190 -3.13 -16.37 -2.10
C ILE A 190 -3.02 -15.10 -2.95
N ALA A 191 -2.06 -15.07 -3.87
CA ALA A 191 -1.96 -13.99 -4.84
C ALA A 191 -3.25 -13.83 -5.65
N ARG A 192 -3.82 -14.96 -6.07
CA ARG A 192 -5.09 -14.96 -6.81
C ARG A 192 -6.26 -14.42 -5.98
N SER A 193 -6.41 -14.87 -4.74
CA SER A 193 -7.56 -14.42 -3.93
C SER A 193 -7.40 -12.94 -3.54
N VAL A 194 -6.19 -12.51 -3.20
CA VAL A 194 -5.97 -11.09 -2.91
C VAL A 194 -6.16 -10.23 -4.17
N PHE A 195 -5.67 -10.70 -5.32
CA PHE A 195 -5.90 -9.99 -6.58
C PHE A 195 -7.38 -9.72 -6.79
N ARG A 196 -8.21 -10.74 -6.57
CA ARG A 196 -9.64 -10.60 -6.76
C ARG A 196 -10.23 -9.63 -5.72
N THR A 197 -9.81 -9.70 -4.47
CA THR A 197 -10.20 -8.70 -3.46
C THR A 197 -9.85 -7.29 -3.92
N ILE A 198 -8.61 -7.08 -4.36
CA ILE A 198 -8.15 -5.77 -4.81
C ILE A 198 -9.03 -5.21 -5.91
N PHE A 199 -9.33 -6.04 -6.90
CA PHE A 199 -10.02 -5.56 -8.10
C PHE A 199 -11.55 -5.53 -7.97
N THR A 200 -12.10 -6.10 -6.91
CA THR A 200 -13.53 -5.98 -6.65
C THR A 200 -13.85 -5.04 -5.47
N SER A 201 -12.82 -4.45 -4.85
CA SER A 201 -13.02 -3.59 -3.68
C SER A 201 -13.42 -2.18 -4.14
N ASP A 202 -14.43 -1.62 -3.51
CA ASP A 202 -14.90 -0.28 -3.84
C ASP A 202 -15.00 0.50 -2.55
N LEU A 203 -14.05 1.41 -2.34
CA LEU A 203 -13.93 2.14 -1.09
C LEU A 203 -14.36 3.60 -1.19
N ARG A 204 -14.98 3.97 -2.29
CA ARG A 204 -15.28 5.38 -2.56
C ARG A 204 -16.18 5.98 -1.49
N ASP A 205 -17.11 5.17 -0.97
CA ASP A 205 -18.05 5.57 0.10
C ASP A 205 -17.40 5.93 1.42
N TYR A 206 -16.19 5.45 1.66
CA TYR A 206 -15.47 5.76 2.88
C TYR A 206 -14.88 7.19 2.90
N LEU A 207 -14.62 7.77 1.73
CA LEU A 207 -13.75 8.95 1.64
C LEU A 207 -14.30 10.14 2.46
N GLY A 208 -15.61 10.36 2.39
CA GLY A 208 -16.25 11.46 3.09
C GLY A 208 -16.18 11.37 4.61
N ARG A 209 -16.03 10.17 5.15
CA ARG A 209 -15.88 9.94 6.57
C ARG A 209 -14.45 10.15 7.11
N VAL A 210 -13.48 10.22 6.21
CA VAL A 210 -12.08 10.48 6.57
C VAL A 210 -11.95 11.92 7.02
N THR A 211 -11.38 12.12 8.21
CA THR A 211 -11.23 13.46 8.79
C THR A 211 -9.80 13.89 9.09
N VAL A 212 -8.86 12.95 9.11
CA VAL A 212 -7.48 13.29 9.37
C VAL A 212 -6.89 13.85 8.10
N PRO A 213 -5.87 14.72 8.22
CA PRO A 213 -5.24 15.29 7.04
C PRO A 213 -4.67 14.22 6.10
N CYS A 214 -4.93 14.38 4.79
CA CYS A 214 -4.46 13.42 3.77
C CYS A 214 -3.56 14.10 2.75
N HIS A 215 -2.34 13.59 2.58
CA HIS A 215 -1.42 14.08 1.55
C HIS A 215 -1.48 13.06 0.45
N ILE A 216 -1.83 13.50 -0.76
CA ILE A 216 -2.20 12.61 -1.85
C ILE A 216 -1.19 12.73 -2.98
N ILE A 217 -0.33 11.71 -3.10
CA ILE A 217 0.83 11.74 -3.98
C ILE A 217 0.70 10.60 -4.98
N GLN A 218 0.98 10.87 -6.24
CA GLN A 218 1.10 9.80 -7.22
C GLN A 218 2.00 10.19 -8.39
N SER A 219 2.39 9.18 -9.15
CA SER A 219 3.03 9.37 -10.46
C SER A 219 2.02 9.93 -11.46
N SER A 220 2.46 10.85 -12.33
N SER A 220 2.47 10.84 -12.31
CA SER A 220 1.63 11.33 -13.43
CA SER A 220 1.65 11.34 -13.43
C SER A 220 1.31 10.20 -14.41
C SER A 220 1.32 10.22 -14.41
N ARG A 221 2.23 9.25 -14.58
CA ARG A 221 2.08 8.14 -15.54
C ARG A 221 2.09 6.79 -14.83
N ASP A 222 0.97 6.49 -14.19
CA ASP A 222 0.73 5.24 -13.47
C ASP A 222 -0.34 4.45 -14.24
N MET A 223 -0.02 3.26 -14.73
CA MET A 223 -1.02 2.46 -15.48
C MET A 223 -2.23 2.04 -14.65
N ALA A 224 -2.08 1.97 -13.34
CA ALA A 224 -3.15 1.54 -12.44
C ALA A 224 -3.94 2.71 -11.83
N VAL A 225 -3.47 3.94 -12.00
CA VAL A 225 -4.04 5.10 -11.31
C VAL A 225 -4.00 6.33 -12.21
N PRO A 226 -5.10 6.62 -12.92
CA PRO A 226 -5.19 7.86 -13.69
C PRO A 226 -4.93 9.09 -12.83
N VAL A 227 -4.38 10.15 -13.43
CA VAL A 227 -4.06 11.39 -12.68
C VAL A 227 -5.27 11.97 -12.01
N SER A 228 -6.44 11.80 -12.61
CA SER A 228 -7.67 12.33 -12.04
C SER A 228 -8.07 11.69 -10.67
N VAL A 229 -7.56 10.49 -10.38
CA VAL A 229 -7.88 9.82 -9.10
C VAL A 229 -7.42 10.63 -7.90
N ALA A 230 -6.22 11.23 -7.96
CA ALA A 230 -5.71 12.05 -6.85
C ALA A 230 -6.66 13.19 -6.52
N GLY A 231 -7.11 13.91 -7.55
CA GLY A 231 -8.11 14.98 -7.37
C GLY A 231 -9.45 14.48 -6.87
N TYR A 232 -9.87 13.30 -7.33
CA TYR A 232 -11.09 12.67 -6.83
C TYR A 232 -11.03 12.49 -5.30
N ILE A 233 -9.92 11.95 -4.82
CA ILE A 233 -9.73 11.72 -3.38
C ILE A 233 -9.75 13.06 -2.63
N HIS A 234 -8.99 14.01 -3.17
CA HIS A 234 -8.88 15.38 -2.64
C HIS A 234 -10.27 16.04 -2.47
N ASN A 235 -11.12 15.91 -3.49
CA ASN A 235 -12.44 16.56 -3.46
C ASN A 235 -13.44 15.94 -2.49
N ARG A 236 -13.17 14.69 -2.06
CA ARG A 236 -14.14 13.88 -1.33
C ARG A 236 -13.80 13.57 0.09
N VAL A 237 -12.52 13.69 0.49
CA VAL A 237 -12.18 13.50 1.89
C VAL A 237 -12.82 14.57 2.76
N GLY A 238 -13.12 14.20 3.99
CA GLY A 238 -13.85 15.05 4.92
C GLY A 238 -12.98 15.97 5.75
N GLY A 239 -11.65 15.85 5.68
CA GLY A 239 -10.73 16.73 6.42
C GLY A 239 -9.84 17.55 5.50
N ARG A 240 -8.69 17.99 6.03
CA ARG A 240 -7.71 18.72 5.22
C ARG A 240 -7.02 17.79 4.24
N SER A 241 -6.66 18.32 3.08
CA SER A 241 -5.93 17.52 2.08
C SER A 241 -5.11 18.38 1.12
N VAL A 242 -4.16 17.73 0.46
CA VAL A 242 -3.29 18.33 -0.52
C VAL A 242 -2.91 17.26 -1.52
N VAL A 243 -2.72 17.66 -2.78
CA VAL A 243 -2.33 16.74 -3.85
C VAL A 243 -0.95 17.12 -4.37
N GLU A 244 -0.12 16.13 -4.67
CA GLU A 244 1.10 16.37 -5.42
C GLU A 244 1.27 15.25 -6.42
N VAL A 245 1.12 15.62 -7.69
CA VAL A 245 1.31 14.68 -8.79
C VAL A 245 2.75 14.83 -9.24
N MET A 246 3.49 13.74 -9.29
CA MET A 246 4.92 13.77 -9.58
C MET A 246 5.14 13.48 -11.05
N ASN A 247 6.15 14.12 -11.64
CA ASN A 247 6.51 13.83 -13.01
C ASN A 247 7.38 12.58 -12.99
N THR A 248 6.73 11.43 -12.79
CA THR A 248 7.36 10.12 -12.72
C THR A 248 6.44 9.13 -13.43
N GLU A 249 6.98 7.97 -13.75
CA GLU A 249 6.20 6.87 -14.29
C GLU A 249 6.15 5.84 -13.20
N GLY A 250 5.10 5.02 -13.21
CA GLY A 250 5.07 3.80 -12.44
C GLY A 250 4.22 3.81 -11.19
N HIS A 251 3.74 2.62 -10.83
CA HIS A 251 2.90 2.44 -9.67
C HIS A 251 3.73 2.35 -8.39
N LEU A 252 5.03 2.06 -8.50
CA LEU A 252 5.93 1.98 -7.33
C LEU A 252 7.09 2.99 -7.44
N PRO A 253 6.79 4.30 -7.52
CA PRO A 253 7.84 5.29 -7.76
C PRO A 253 8.86 5.44 -6.63
N GLN A 254 8.49 5.07 -5.40
CA GLN A 254 9.45 5.04 -4.30
C GLN A 254 10.58 4.02 -4.50
N LEU A 255 10.32 2.98 -5.30
CA LEU A 255 11.29 1.96 -5.66
C LEU A 255 11.99 2.27 -7.00
N SER A 256 11.21 2.73 -7.98
CA SER A 256 11.68 2.91 -9.35
C SER A 256 12.11 4.33 -9.73
N ALA A 257 11.77 5.34 -8.92
CA ALA A 257 12.20 6.72 -9.17
C ALA A 257 12.48 7.44 -7.85
N PRO A 258 13.33 6.84 -7.00
CA PRO A 258 13.55 7.40 -5.66
C PRO A 258 14.12 8.81 -5.69
N GLU A 259 14.99 9.09 -6.66
CA GLU A 259 15.52 10.45 -6.86
C GLU A 259 14.42 11.53 -6.89
N VAL A 260 13.27 11.21 -7.50
CA VAL A 260 12.14 12.15 -7.53
C VAL A 260 11.16 11.92 -6.37
N ALA A 261 10.79 10.66 -6.12
CA ALA A 261 9.72 10.35 -5.16
C ALA A 261 10.09 10.55 -3.68
N ILE A 262 11.34 10.22 -3.32
CA ILE A 262 11.74 10.30 -1.91
C ILE A 262 11.68 11.74 -1.40
N PRO A 263 12.26 12.69 -2.13
CA PRO A 263 12.13 14.06 -1.63
C PRO A 263 10.68 14.56 -1.49
N VAL A 264 9.81 14.16 -2.40
CA VAL A 264 8.39 14.51 -2.30
C VAL A 264 7.79 13.86 -1.05
N LEU A 265 7.97 12.54 -0.91
CA LEU A 265 7.45 11.86 0.30
C LEU A 265 7.91 12.52 1.59
N LEU A 266 9.19 12.88 1.66
CA LEU A 266 9.77 13.47 2.89
C LEU A 266 9.13 14.81 3.20
N ARG A 267 8.91 15.63 2.16
CA ARG A 267 8.24 16.92 2.38
C ARG A 267 6.86 16.77 2.97
N HIS A 268 6.11 15.80 2.49
CA HIS A 268 4.73 15.56 2.95
C HIS A 268 4.66 14.91 4.34
N ILE A 269 5.64 14.07 4.64
CA ILE A 269 5.77 13.51 5.99
C ILE A 269 6.10 14.59 7.03
N LYS A 270 7.10 15.40 6.71
CA LYS A 270 7.65 16.36 7.67
C LYS A 270 6.86 17.67 7.84
N ASN A 271 6.02 18.04 6.86
CA ASN A 271 5.30 19.32 6.87
C ASN A 271 3.79 19.15 6.88
N ASP A 272 3.12 19.97 7.68
CA ASP A 272 1.71 19.78 7.93
C ASP A 272 0.89 20.73 7.06
N ILE A 273 -0.32 20.32 6.69
CA ILE A 273 -1.24 21.17 5.92
C ILE A 273 -1.84 22.18 6.92
N ASP A 274 -1.82 23.47 6.56
CA ASP A 274 -2.22 24.55 7.50
C ASP A 274 -3.64 25.05 7.21
C FMT B . -18.27 8.81 -8.47
O1 FMT B . -17.72 7.99 -7.76
O2 FMT B . -19.06 8.39 -9.46
C FMT C . -11.22 6.00 20.56
O1 FMT C . -10.57 5.25 21.29
O2 FMT C . -12.19 5.50 19.80
C FMT D . -12.13 10.22 -11.60
O1 FMT D . -11.07 9.67 -11.90
O2 FMT D . -13.30 9.80 -12.11
C FMT E . 11.50 18.25 -3.98
O1 FMT E . 10.71 17.41 -4.40
O2 FMT E . 11.32 18.80 -2.78
C FMT F . -18.31 0.82 -17.31
O1 FMT F . -17.70 -0.09 -17.86
O2 FMT F . -18.32 2.02 -17.88
C FMT G . -4.04 -21.13 4.53
O1 FMT G . -4.01 -20.90 3.32
O2 FMT G . -3.06 -20.64 5.28
C FMT H . -19.57 6.62 -4.69
O1 FMT H . -20.07 5.49 -4.57
O2 FMT H . -19.72 7.53 -3.71
C1 EDO I . -16.08 13.97 -8.33
O1 EDO I . -16.39 12.71 -8.92
C2 EDO I . -14.79 14.01 -7.49
O2 EDO I . -13.91 15.03 -7.99
C1 EDO J . -9.35 14.26 12.66
O1 EDO J . -10.61 13.96 13.26
C2 EDO J . -8.89 15.71 12.85
O2 EDO J . -7.58 15.90 12.29
NA NA K . -5.81 12.41 14.37
NA NA L . -9.52 21.35 2.39
NA NA M . -11.90 19.38 1.32
#